data_3P13
#
_entry.id   3P13
#
_cell.length_a   124.270
_cell.length_b   124.270
_cell.length_c   86.210
_cell.angle_alpha   90.00
_cell.angle_beta   90.00
_cell.angle_gamma   120.00
#
_symmetry.space_group_name_H-M   'P 64'
#
loop_
_entity.id
_entity.type
_entity.pdbx_description
1 polymer 'D-ribose pyranase'
2 non-polymer beta-D-ribopyranose
3 water water
#
_entity_poly.entity_id   1
_entity_poly.type   'polypeptide(L)'
_entity_poly.pdbx_seq_one_letter_code
;MGMKKSAVLNEHISKAIATIGHFDLLTINDAGMPIPNDHRRIDLAVTKNLPRFIDVLATVLEEMEIQKIYLAEEIKEHNP
TQLQQIKQLISSEIEIIFIPHEEMKSNLAHPLNKGNIRTGETTPYSNIALESNVTFLEHHHHHH
;
_entity_poly.pdbx_strand_id   A,B,C,D
#
loop_
_chem_comp.id
_chem_comp.type
_chem_comp.name
_chem_comp.formula
RIP D-saccharide, beta linking beta-D-ribopyranose 'C5 H10 O5'
#
# COMPACT_ATOMS: atom_id res chain seq x y z
N ALA A 7 9.78 0.90 -6.76
CA ALA A 7 9.38 1.56 -5.48
C ALA A 7 10.44 1.38 -4.39
N VAL A 8 10.92 2.50 -3.87
CA VAL A 8 11.88 2.54 -2.75
C VAL A 8 11.12 2.79 -1.45
N LEU A 9 11.49 2.07 -0.40
CA LEU A 9 10.75 2.09 0.86
C LEU A 9 11.67 1.88 2.05
N ASN A 10 11.35 2.57 3.14
CA ASN A 10 12.05 2.39 4.40
C ASN A 10 11.58 1.11 5.08
N GLU A 11 12.54 0.26 5.47
CA GLU A 11 12.27 -1.01 6.13
C GLU A 11 11.50 -0.84 7.45
N HIS A 12 11.94 0.11 8.27
CA HIS A 12 11.31 0.38 9.56
C HIS A 12 9.88 0.90 9.38
N ILE A 13 9.73 1.93 8.56
CA ILE A 13 8.40 2.48 8.30
C ILE A 13 7.46 1.38 7.81
N SER A 14 7.92 0.58 6.85
CA SER A 14 7.14 -0.52 6.29
C SER A 14 6.73 -1.55 7.34
N LYS A 15 7.67 -1.88 8.23
CA LYS A 15 7.40 -2.83 9.31
C LYS A 15 6.42 -2.30 10.36
N ALA A 16 6.52 -1.00 10.66
CA ALA A 16 5.61 -0.35 11.61
C ALA A 16 4.17 -0.32 11.09
N ILE A 17 4.02 -0.03 9.81
CA ILE A 17 2.73 0.05 9.16
C ILE A 17 2.03 -1.32 9.09
N ALA A 18 2.82 -2.38 8.93
CA ALA A 18 2.32 -3.76 8.94
C ALA A 18 1.68 -4.14 10.28
N THR A 19 2.02 -3.43 11.35
CA THR A 19 1.45 -3.63 12.68
C THR A 19 0.36 -2.61 13.05
N ILE A 20 -0.05 -1.80 12.07
CA ILE A 20 -0.97 -0.69 12.34
C ILE A 20 -2.42 -1.08 12.05
N GLY A 21 -3.25 -0.98 13.08
CA GLY A 21 -4.68 -1.20 12.93
C GLY A 21 -5.49 0.01 13.37
N HIS A 22 -6.80 -0.10 13.19
CA HIS A 22 -7.77 0.90 13.65
C HIS A 22 -7.39 1.48 15.02
N PHE A 23 -7.33 2.81 15.09
CA PHE A 23 -6.95 3.59 16.30
C PHE A 23 -5.45 3.74 16.58
N ASP A 24 -4.60 2.97 15.91
CA ASP A 24 -3.17 3.05 16.14
C ASP A 24 -2.62 4.38 15.61
N LEU A 25 -1.57 4.86 16.26
CA LEU A 25 -0.92 6.12 15.90
C LEU A 25 0.44 5.89 15.23
N LEU A 26 0.77 6.78 14.30
CA LEU A 26 2.11 6.88 13.75
C LEU A 26 2.42 8.35 13.64
N THR A 27 3.58 8.76 14.14
CA THR A 27 3.95 10.17 14.14
C THR A 27 5.10 10.50 13.19
N ILE A 28 5.08 11.72 12.68
CA ILE A 28 6.17 12.27 11.90
C ILE A 28 6.50 13.58 12.55
N ASN A 29 7.79 13.77 12.80
CA ASN A 29 8.27 14.89 13.63
C ASN A 29 9.45 15.67 13.02
N ASP A 30 9.63 16.90 13.51
CA ASP A 30 10.78 17.71 13.09
C ASP A 30 12.05 17.36 13.89
N ALA A 31 13.17 17.95 13.50
CA ALA A 31 14.50 17.61 14.05
C ALA A 31 14.67 17.80 15.58
N GLY A 32 14.04 18.84 16.13
CA GLY A 32 14.18 19.16 17.55
C GLY A 32 13.14 18.56 18.50
N MET A 33 12.18 17.81 17.95
CA MET A 33 11.14 17.16 18.74
C MET A 33 11.75 16.09 19.67
N PRO A 34 11.48 16.17 20.98
CA PRO A 34 12.04 15.20 21.92
C PRO A 34 11.42 13.82 21.83
N ILE A 35 11.92 13.02 20.89
CA ILE A 35 11.42 11.67 20.70
C ILE A 35 12.16 10.71 21.64
N PRO A 36 11.40 9.97 22.47
CA PRO A 36 12.00 9.04 23.42
C PRO A 36 12.82 7.96 22.70
N ASN A 37 14.00 7.65 23.20
CA ASN A 37 14.88 6.71 22.55
C ASN A 37 14.46 5.28 22.85
N ASP A 38 13.47 4.79 22.11
CA ASP A 38 13.01 3.41 22.26
C ASP A 38 12.88 2.70 20.91
N HIS A 39 12.09 1.63 20.89
CA HIS A 39 11.90 0.79 19.71
CA HIS A 39 11.92 0.80 19.70
C HIS A 39 11.08 1.48 18.62
N ARG A 40 10.35 2.52 19.02
CA ARG A 40 9.48 3.26 18.10
C ARG A 40 10.23 4.35 17.32
N ARG A 41 11.38 4.78 17.83
CA ARG A 41 12.16 5.84 17.18
C ARG A 41 12.74 5.41 15.83
N ILE A 42 12.27 6.07 14.77
CA ILE A 42 12.73 5.85 13.41
C ILE A 42 13.40 7.14 12.93
N ASP A 43 14.73 7.19 13.05
CA ASP A 43 15.49 8.41 12.72
C ASP A 43 15.92 8.47 11.25
N LEU A 44 15.32 9.39 10.51
CA LEU A 44 15.62 9.60 9.09
C LEU A 44 16.39 10.89 8.85
N ALA A 45 16.57 11.68 9.90
CA ALA A 45 17.29 12.94 9.79
C ALA A 45 18.70 12.75 9.21
N VAL A 46 19.08 13.63 8.28
CA VAL A 46 20.40 13.60 7.68
C VAL A 46 21.13 14.89 8.05
N THR A 47 20.52 16.01 7.70
CA THR A 47 21.04 17.33 8.03
C THR A 47 19.85 18.29 8.05
N LYS A 48 20.12 19.57 8.30
CA LYS A 48 19.09 20.61 8.32
C LYS A 48 18.15 20.50 7.12
N ASN A 49 16.87 20.26 7.40
CA ASN A 49 15.83 20.20 6.36
C ASN A 49 16.02 19.09 5.33
N LEU A 50 16.57 17.96 5.77
CA LEU A 50 16.73 16.79 4.92
C LEU A 50 16.61 15.53 5.75
N PRO A 51 15.54 14.74 5.53
CA PRO A 51 14.43 15.04 4.64
C PRO A 51 13.45 16.04 5.25
N ARG A 52 12.73 16.77 4.40
CA ARG A 52 11.67 17.68 4.85
C ARG A 52 10.48 16.92 5.41
N PHE A 53 9.83 17.53 6.41
CA PHE A 53 8.65 16.97 7.02
C PHE A 53 7.60 16.61 5.97
N ILE A 54 7.31 17.56 5.09
CA ILE A 54 6.20 17.41 4.14
C ILE A 54 6.40 16.28 3.12
N ASP A 55 7.66 16.03 2.74
CA ASP A 55 8.00 14.92 1.85
C ASP A 55 7.78 13.57 2.52
N VAL A 56 8.23 13.44 3.76
CA VAL A 56 8.03 12.20 4.51
C VAL A 56 6.52 11.97 4.74
N LEU A 57 5.79 13.03 5.08
CA LEU A 57 4.34 12.92 5.24
C LEU A 57 3.65 12.44 3.97
N ALA A 58 4.02 13.05 2.84
CA ALA A 58 3.46 12.65 1.54
C ALA A 58 3.69 11.15 1.27
N THR A 59 4.90 10.68 1.54
CA THR A 59 5.29 9.29 1.29
C THR A 59 4.48 8.33 2.17
N VAL A 60 4.43 8.62 3.47
CA VAL A 60 3.72 7.79 4.42
C VAL A 60 2.19 7.67 4.15
N LEU A 61 1.57 8.78 3.74
CA LEU A 61 0.13 8.80 3.41
C LEU A 61 -0.25 7.92 2.21
N GLU A 62 0.72 7.61 1.35
CA GLU A 62 0.48 6.67 0.26
C GLU A 62 0.41 5.22 0.76
N GLU A 63 1.09 4.94 1.88
CA GLU A 63 1.19 3.60 2.44
CA GLU A 63 1.13 3.57 2.39
C GLU A 63 0.14 3.34 3.52
N MET A 64 -0.59 4.39 3.92
CA MET A 64 -1.53 4.31 5.05
C MET A 64 -2.94 4.83 4.75
N GLU A 65 -3.92 4.25 5.43
CA GLU A 65 -5.27 4.78 5.44
C GLU A 65 -5.47 5.50 6.78
N ILE A 66 -5.79 6.78 6.71
CA ILE A 66 -5.89 7.60 7.92
C ILE A 66 -7.33 8.06 8.15
N GLN A 67 -7.75 8.11 9.42
CA GLN A 67 -9.07 8.62 9.77
C GLN A 67 -9.03 10.00 10.46
N LYS A 68 -8.00 10.26 11.25
CA LYS A 68 -7.80 11.55 11.90
C LYS A 68 -6.32 11.92 11.96
N ILE A 69 -6.04 13.22 12.06
CA ILE A 69 -4.69 13.68 12.37
C ILE A 69 -4.70 14.59 13.59
N TYR A 70 -3.59 14.61 14.30
CA TYR A 70 -3.38 15.51 15.42
C TYR A 70 -2.24 16.45 15.09
N LEU A 71 -2.47 17.74 15.35
CA LEU A 71 -1.49 18.78 15.15
C LEU A 71 -1.49 19.71 16.36
N ALA A 72 -0.37 20.39 16.58
CA ALA A 72 -0.26 21.35 17.68
C ALA A 72 -1.10 22.58 17.37
N GLU A 73 -1.86 23.03 18.35
CA GLU A 73 -2.61 24.28 18.23
C GLU A 73 -1.68 25.40 17.77
N GLU A 74 -0.45 25.36 18.31
CA GLU A 74 0.60 26.32 17.99
C GLU A 74 0.96 26.46 16.49
N ILE A 75 0.70 25.44 15.69
CA ILE A 75 1.03 25.48 14.26
C ILE A 75 0.26 26.58 13.50
N LYS A 76 -0.95 26.91 13.97
CA LYS A 76 -1.77 27.95 13.33
C LYS A 76 -1.06 29.30 13.29
N GLU A 77 -0.50 29.72 14.41
CA GLU A 77 0.21 31.01 14.48
C GLU A 77 1.64 30.89 13.97
N HIS A 78 2.34 29.87 14.47
CA HIS A 78 3.78 29.81 14.32
C HIS A 78 4.27 29.17 13.01
N ASN A 79 3.42 28.37 12.37
CA ASN A 79 3.78 27.77 11.09
C ASN A 79 2.58 27.57 10.17
N PRO A 80 1.96 28.67 9.71
CA PRO A 80 0.76 28.51 8.88
C PRO A 80 1.03 27.94 7.51
N THR A 81 2.25 28.07 6.99
CA THR A 81 2.54 27.49 5.68
C THR A 81 2.60 25.97 5.74
N GLN A 82 3.18 25.43 6.81
CA GLN A 82 3.16 23.99 7.03
C GLN A 82 1.72 23.45 7.19
N LEU A 83 0.90 24.14 7.99
CA LEU A 83 -0.52 23.75 8.13
C LEU A 83 -1.22 23.70 6.78
N GLN A 84 -1.00 24.75 5.96
CA GLN A 84 -1.57 24.79 4.62
CA GLN A 84 -1.53 24.82 4.59
C GLN A 84 -1.07 23.62 3.75
N GLN A 85 0.23 23.30 3.84
CA GLN A 85 0.79 22.17 3.08
C GLN A 85 0.17 20.83 3.51
N ILE A 86 -0.03 20.64 4.82
CA ILE A 86 -0.69 19.43 5.32
C ILE A 86 -2.13 19.31 4.79
N LYS A 87 -2.90 20.39 4.86
CA LYS A 87 -4.28 20.43 4.37
C LYS A 87 -4.41 20.07 2.89
N GLN A 88 -3.43 20.51 2.10
CA GLN A 88 -3.34 20.16 0.67
C GLN A 88 -3.09 18.68 0.42
N LEU A 89 -2.51 17.99 1.40
CA LEU A 89 -2.09 16.60 1.21
C LEU A 89 -3.17 15.60 1.61
N ILE A 90 -3.97 15.97 2.60
CA ILE A 90 -4.96 15.07 3.17
C ILE A 90 -6.35 15.25 2.52
N SER A 91 -7.16 14.20 2.59
CA SER A 91 -8.53 14.21 2.10
C SER A 91 -9.44 15.16 2.90
N SER A 92 -10.57 15.53 2.29
CA SER A 92 -11.56 16.40 2.95
C SER A 92 -12.37 15.65 4.01
N GLU A 93 -12.49 14.33 3.84
CA GLU A 93 -13.19 13.48 4.80
C GLU A 93 -12.30 12.94 5.92
N ILE A 94 -11.26 13.68 6.28
CA ILE A 94 -10.45 13.32 7.45
C ILE A 94 -10.38 14.46 8.46
N GLU A 95 -10.66 14.13 9.72
CA GLU A 95 -10.77 15.14 10.78
C GLU A 95 -9.41 15.64 11.26
N ILE A 96 -9.30 16.96 11.39
CA ILE A 96 -8.09 17.55 11.97
C ILE A 96 -8.38 17.95 13.41
N ILE A 97 -7.62 17.40 14.33
CA ILE A 97 -7.74 17.79 15.74
C ILE A 97 -6.49 18.53 16.22
N PHE A 98 -6.73 19.74 16.74
CA PHE A 98 -5.69 20.58 17.32
C PHE A 98 -5.63 20.40 18.85
N ILE A 99 -4.45 20.02 19.33
CA ILE A 99 -4.18 19.84 20.75
C ILE A 99 -2.94 20.66 21.09
N PRO A 100 -2.69 20.94 22.38
CA PRO A 100 -1.47 21.70 22.67
C PRO A 100 -0.22 20.89 22.33
N HIS A 101 0.85 21.58 21.91
CA HIS A 101 2.12 20.93 21.59
C HIS A 101 2.59 19.97 22.69
N GLU A 102 2.40 20.37 23.95
CA GLU A 102 2.73 19.51 25.10
C GLU A 102 2.05 18.17 25.02
N GLU A 103 0.80 18.16 24.53
CA GLU A 103 0.05 16.91 24.35
C GLU A 103 0.57 16.11 23.15
N MET A 104 1.06 16.82 22.12
CA MET A 104 1.74 16.18 20.99
C MET A 104 2.97 15.42 21.49
N LYS A 105 3.74 16.05 22.37
CA LYS A 105 4.88 15.40 23.03
C LYS A 105 4.47 14.17 23.84
N SER A 106 3.44 14.30 24.69
CA SER A 106 2.86 13.15 25.41
C SER A 106 2.52 12.00 24.48
N ASN A 107 1.95 12.31 23.32
CA ASN A 107 1.47 11.27 22.40
C ASN A 107 2.56 10.41 21.75
N LEU A 108 3.81 10.84 21.89
CA LEU A 108 4.96 10.05 21.46
C LEU A 108 5.11 8.78 22.30
N ALA A 109 4.41 8.75 23.45
CA ALA A 109 4.40 7.58 24.33
C ALA A 109 3.00 6.95 24.44
N HIS A 110 2.06 7.44 23.63
CA HIS A 110 0.71 6.91 23.62
C HIS A 110 0.75 5.39 23.47
N PRO A 111 -0.06 4.66 24.26
CA PRO A 111 -0.11 3.19 24.24
C PRO A 111 -0.33 2.59 22.85
N LEU A 112 -1.01 3.33 21.98
CA LEU A 112 -1.32 2.85 20.63
C LEU A 112 -0.38 3.43 19.57
N ASN A 113 0.69 4.08 20.04
CA ASN A 113 1.71 4.63 19.14
C ASN A 113 2.61 3.53 18.59
N LYS A 114 2.60 3.38 17.27
CA LYS A 114 3.33 2.30 16.59
C LYS A 114 4.63 2.77 15.91
N GLY A 115 5.03 4.02 16.15
CA GLY A 115 6.25 4.54 15.56
C GLY A 115 6.35 6.05 15.58
N ASN A 116 7.55 6.54 15.89
CA ASN A 116 7.87 7.95 15.89
C ASN A 116 8.97 8.25 14.87
N ILE A 117 8.58 8.84 13.74
CA ILE A 117 9.52 9.13 12.67
C ILE A 117 10.12 10.52 12.88
N ARG A 118 11.46 10.61 12.82
CA ARG A 118 12.17 11.87 12.96
C ARG A 118 12.73 12.29 11.61
N THR A 119 12.41 13.52 11.20
CA THR A 119 12.89 14.09 9.96
C THR A 119 13.95 15.15 10.26
N GLY A 120 14.53 15.74 9.21
CA GLY A 120 15.50 16.81 9.38
C GLY A 120 14.88 18.18 9.47
N GLU A 121 13.54 18.24 9.45
CA GLU A 121 12.80 19.51 9.40
C GLU A 121 13.19 20.47 10.53
N THR A 122 13.38 21.75 10.20
CA THR A 122 13.74 22.76 11.20
C THR A 122 12.64 23.78 11.50
N THR A 123 11.68 23.97 10.58
CA THR A 123 10.58 24.90 10.84
C THR A 123 9.66 24.40 11.97
N PRO A 124 9.30 25.29 12.91
CA PRO A 124 8.68 24.90 14.18
C PRO A 124 7.27 24.30 14.04
N TYR A 125 6.94 23.36 14.92
CA TYR A 125 5.63 22.71 15.00
C TYR A 125 5.28 21.81 13.81
N SER A 126 6.32 21.38 13.10
CA SER A 126 6.19 20.44 12.00
C SER A 126 6.14 19.04 12.57
N ASN A 127 5.05 18.75 13.25
CA ASN A 127 4.82 17.45 13.86
C ASN A 127 3.37 17.09 13.64
N ILE A 128 3.12 15.79 13.48
CA ILE A 128 1.81 15.28 13.18
C ILE A 128 1.71 13.89 13.80
N ALA A 129 0.48 13.49 14.10
CA ALA A 129 0.20 12.13 14.50
C ALA A 129 -0.94 11.67 13.62
N LEU A 130 -0.79 10.48 13.02
CA LEU A 130 -1.74 9.96 12.08
C LEU A 130 -2.48 8.80 12.73
N GLU A 131 -3.80 8.84 12.68
CA GLU A 131 -4.60 7.80 13.29
C GLU A 131 -5.20 6.91 12.23
N SER A 132 -4.95 5.62 12.37
CA SER A 132 -5.37 4.66 11.36
C SER A 132 -6.87 4.38 11.36
N ASN A 133 -7.42 4.17 10.17
CA ASN A 133 -8.76 3.65 10.00
C ASN A 133 -8.70 2.11 10.01
N VAL A 134 -9.78 1.45 9.56
CA VAL A 134 -9.82 -0.01 9.43
C VAL A 134 -8.91 -0.47 8.29
N THR A 135 -7.96 -1.34 8.61
CA THR A 135 -7.04 -1.90 7.60
C THR A 135 -7.31 -3.35 7.17
N PHE A 136 -7.85 -4.16 8.10
CA PHE A 136 -8.12 -5.61 7.91
C PHE A 136 -6.99 -6.48 8.47
N ALA B 7 -22.56 -19.04 -19.13
CA ALA B 7 -23.08 -17.81 -18.43
C ALA B 7 -22.24 -17.48 -17.20
N VAL B 8 -22.05 -16.19 -16.95
CA VAL B 8 -21.18 -15.71 -15.87
C VAL B 8 -21.97 -15.26 -14.65
N LEU B 9 -21.73 -15.91 -13.52
CA LEU B 9 -22.39 -15.60 -12.26
C LEU B 9 -21.44 -15.82 -11.09
N ASN B 10 -21.64 -15.04 -10.03
CA ASN B 10 -20.92 -15.21 -8.79
C ASN B 10 -21.36 -16.50 -8.08
N GLU B 11 -20.39 -17.26 -7.57
CA GLU B 11 -20.67 -18.52 -6.89
C GLU B 11 -21.34 -18.32 -5.52
N HIS B 12 -20.90 -17.30 -4.77
CA HIS B 12 -21.49 -16.98 -3.47
C HIS B 12 -22.92 -16.47 -3.59
N ILE B 13 -23.18 -15.67 -4.63
CA ILE B 13 -24.52 -15.17 -4.88
C ILE B 13 -25.46 -16.30 -5.31
N SER B 14 -25.00 -17.16 -6.22
CA SER B 14 -25.77 -18.30 -6.70
C SER B 14 -26.05 -19.29 -5.57
N LYS B 15 -25.06 -19.48 -4.70
CA LYS B 15 -25.21 -20.30 -3.50
C LYS B 15 -26.41 -19.77 -2.71
N ALA B 16 -26.32 -18.50 -2.30
CA ALA B 16 -27.34 -17.83 -1.50
C ALA B 16 -28.73 -17.81 -2.14
N ILE B 17 -28.80 -17.49 -3.43
CA ILE B 17 -30.08 -17.48 -4.15
C ILE B 17 -30.81 -18.83 -4.12
N ALA B 18 -30.05 -19.92 -4.14
CA ALA B 18 -30.63 -21.26 -4.03
C ALA B 18 -31.07 -21.59 -2.59
N THR B 19 -30.45 -20.93 -1.60
CA THR B 19 -30.84 -21.07 -0.19
C THR B 19 -32.09 -20.23 0.17
N ILE B 20 -32.52 -19.39 -0.77
CA ILE B 20 -33.55 -18.38 -0.51
C ILE B 20 -34.98 -18.84 -0.81
N GLY B 21 -35.83 -18.73 0.20
CA GLY B 21 -37.27 -19.00 0.07
C GLY B 21 -38.12 -17.81 0.46
N HIS B 22 -39.43 -18.02 0.40
CA HIS B 22 -40.42 -17.01 0.79
C HIS B 22 -40.06 -16.37 2.14
N PHE B 23 -40.14 -15.05 2.20
CA PHE B 23 -39.80 -14.24 3.39
C PHE B 23 -38.29 -13.98 3.60
N ASP B 24 -37.43 -14.74 2.93
CA ASP B 24 -35.97 -14.55 3.05
C ASP B 24 -35.50 -13.21 2.44
N LEU B 25 -34.43 -12.66 3.03
CA LEU B 25 -33.82 -11.41 2.59
C LEU B 25 -32.44 -11.62 1.98
N LEU B 26 -32.15 -10.85 0.93
CA LEU B 26 -30.79 -10.74 0.38
C LEU B 26 -30.51 -9.25 0.20
N THR B 27 -29.39 -8.77 0.70
CA THR B 27 -29.09 -7.34 0.58
C THR B 27 -27.98 -7.03 -0.41
N ILE B 28 -28.05 -5.83 -0.96
CA ILE B 28 -26.97 -5.28 -1.78
C ILE B 28 -26.64 -3.92 -1.21
N ASN B 29 -25.35 -3.65 -1.03
CA ASN B 29 -24.89 -2.51 -0.23
C ASN B 29 -23.74 -1.74 -0.86
N ASP B 30 -23.56 -0.49 -0.44
CA ASP B 30 -22.42 0.31 -0.90
C ASP B 30 -21.15 0.01 -0.11
N ALA B 31 -20.03 0.59 -0.52
CA ALA B 31 -18.72 0.32 0.07
C ALA B 31 -18.63 0.61 1.57
N GLY B 32 -19.35 1.63 2.02
CA GLY B 32 -19.30 2.09 3.42
C GLY B 32 -20.27 1.43 4.41
N MET B 33 -21.25 0.67 3.91
CA MET B 33 -22.23 -0.02 4.77
C MET B 33 -21.53 -0.95 5.77
N PRO B 34 -21.82 -0.78 7.08
CA PRO B 34 -21.18 -1.66 8.07
C PRO B 34 -21.78 -3.06 8.05
N ILE B 35 -21.32 -3.87 7.10
CA ILE B 35 -21.79 -5.25 7.00
C ILE B 35 -21.11 -6.10 8.07
N PRO B 36 -21.89 -6.84 8.88
CA PRO B 36 -21.28 -7.74 9.86
C PRO B 36 -20.33 -8.74 9.19
N ASN B 37 -19.28 -9.09 9.93
CA ASN B 37 -18.26 -10.02 9.44
C ASN B 37 -18.62 -11.47 9.77
N ASP B 38 -19.39 -12.09 8.89
CA ASP B 38 -19.82 -13.49 9.06
C ASP B 38 -19.98 -14.18 7.71
N HIS B 39 -20.63 -15.34 7.70
CA HIS B 39 -20.80 -16.15 6.49
C HIS B 39 -21.75 -15.55 5.46
N ARG B 40 -22.54 -14.55 5.86
CA ARG B 40 -23.48 -13.89 4.94
C ARG B 40 -22.78 -12.87 4.06
N ARG B 41 -21.68 -12.30 4.56
CA ARG B 41 -20.95 -11.24 3.87
C ARG B 41 -20.34 -11.71 2.54
N ILE B 42 -20.66 -10.98 1.48
CA ILE B 42 -20.18 -11.28 0.13
C ILE B 42 -19.55 -10.02 -0.45
N ASP B 43 -18.22 -9.94 -0.37
CA ASP B 43 -17.49 -8.75 -0.77
C ASP B 43 -17.08 -8.78 -2.24
N LEU B 44 -17.85 -8.12 -3.10
CA LEU B 44 -17.54 -7.97 -4.51
C LEU B 44 -16.74 -6.71 -4.82
N ALA B 45 -16.52 -5.87 -3.81
CA ALA B 45 -15.87 -4.58 -4.05
C ALA B 45 -14.46 -4.74 -4.63
N VAL B 46 -14.14 -3.94 -5.65
CA VAL B 46 -12.80 -3.94 -6.24
C VAL B 46 -12.09 -2.64 -5.88
N THR B 47 -12.69 -1.52 -6.28
CA THR B 47 -12.19 -0.20 -5.97
C THR B 47 -13.38 0.76 -5.99
N LYS B 48 -13.14 2.05 -5.77
CA LYS B 48 -14.18 3.06 -5.84
C LYS B 48 -15.10 2.84 -7.05
N ASN B 49 -16.39 2.64 -6.77
CA ASN B 49 -17.42 2.50 -7.80
C ASN B 49 -17.21 1.34 -8.77
N LEU B 50 -16.62 0.26 -8.29
CA LEU B 50 -16.51 -0.95 -9.08
C LEU B 50 -16.65 -2.14 -8.16
N PRO B 51 -17.69 -2.96 -8.35
CA PRO B 51 -18.79 -2.73 -9.28
C PRO B 51 -19.79 -1.73 -8.71
N ARG B 52 -20.57 -1.10 -9.58
CA ARG B 52 -21.62 -0.19 -9.16
C ARG B 52 -22.76 -0.96 -8.51
N PHE B 53 -23.42 -0.33 -7.55
CA PHE B 53 -24.60 -0.88 -6.89
C PHE B 53 -25.64 -1.27 -7.91
N ILE B 54 -25.88 -0.39 -8.87
CA ILE B 54 -26.99 -0.58 -9.80
C ILE B 54 -26.76 -1.76 -10.74
N ASP B 55 -25.52 -2.01 -11.12
CA ASP B 55 -25.19 -3.11 -12.02
C ASP B 55 -25.38 -4.43 -11.30
N VAL B 56 -24.99 -4.47 -10.03
CA VAL B 56 -25.17 -5.65 -9.18
C VAL B 56 -26.66 -5.94 -8.96
N LEU B 57 -27.43 -4.90 -8.64
CA LEU B 57 -28.87 -5.04 -8.49
C LEU B 57 -29.54 -5.61 -9.76
N ALA B 58 -29.25 -5.02 -10.92
CA ALA B 58 -29.82 -5.53 -12.19
C ALA B 58 -29.53 -7.03 -12.43
N THR B 59 -28.34 -7.46 -12.04
CA THR B 59 -27.91 -8.85 -12.23
C THR B 59 -28.68 -9.79 -11.30
N VAL B 60 -28.77 -9.42 -10.03
CA VAL B 60 -29.45 -10.22 -9.04
C VAL B 60 -30.94 -10.40 -9.39
N LEU B 61 -31.59 -9.32 -9.77
CA LEU B 61 -33.02 -9.33 -10.14
C LEU B 61 -33.35 -10.33 -11.24
N GLU B 62 -32.46 -10.47 -12.22
CA GLU B 62 -32.61 -11.50 -13.25
C GLU B 62 -32.69 -12.91 -12.65
N GLU B 63 -32.10 -13.10 -11.48
CA GLU B 63 -31.99 -14.42 -10.86
C GLU B 63 -32.96 -14.69 -9.69
N MET B 64 -33.92 -13.79 -9.46
CA MET B 64 -34.76 -13.89 -8.28
C MET B 64 -36.21 -13.49 -8.52
N GLU B 65 -37.10 -14.04 -7.70
CA GLU B 65 -38.47 -13.59 -7.63
C GLU B 65 -38.62 -12.73 -6.37
N ILE B 66 -38.85 -11.44 -6.57
CA ILE B 66 -38.94 -10.50 -5.45
C ILE B 66 -40.40 -10.11 -5.20
N GLN B 67 -40.78 -9.99 -3.93
CA GLN B 67 -42.12 -9.49 -3.59
C GLN B 67 -42.12 -8.07 -3.00
N LYS B 68 -41.08 -7.74 -2.24
CA LYS B 68 -40.91 -6.41 -1.64
C LYS B 68 -39.43 -6.03 -1.66
N ILE B 69 -39.15 -4.73 -1.71
CA ILE B 69 -37.81 -4.19 -1.43
C ILE B 69 -37.87 -3.17 -0.32
N TYR B 70 -36.77 -3.06 0.44
CA TYR B 70 -36.62 -2.05 1.47
C TYR B 70 -35.49 -1.10 1.10
N LEU B 71 -35.71 0.19 1.34
CA LEU B 71 -34.74 1.25 1.07
C LEU B 71 -34.72 2.23 2.24
N ALA B 72 -33.62 2.96 2.39
CA ALA B 72 -33.55 4.00 3.40
C ALA B 72 -34.44 5.18 3.03
N GLU B 73 -35.21 5.66 4.00
CA GLU B 73 -35.93 6.93 3.85
C GLU B 73 -34.97 8.00 3.32
N GLU B 74 -33.75 7.99 3.86
CA GLU B 74 -32.70 8.95 3.52
C GLU B 74 -32.35 9.04 2.03
N ILE B 75 -32.56 7.95 1.28
CA ILE B 75 -32.28 7.94 -0.16
C ILE B 75 -33.05 9.02 -0.94
N LYS B 76 -34.28 9.32 -0.50
CA LYS B 76 -35.17 10.25 -1.22
C LYS B 76 -34.53 11.62 -1.37
N GLU B 77 -33.92 12.12 -0.30
CA GLU B 77 -33.29 13.44 -0.28
C GLU B 77 -31.81 13.37 -0.68
N HIS B 78 -31.10 12.37 -0.17
CA HIS B 78 -29.65 12.34 -0.28
C HIS B 78 -29.13 11.62 -1.53
N ASN B 79 -30.01 10.94 -2.25
CA ASN B 79 -29.62 10.24 -3.46
C ASN B 79 -30.81 9.93 -4.36
N PRO B 80 -31.49 10.98 -4.87
CA PRO B 80 -32.66 10.79 -5.74
C PRO B 80 -32.33 10.07 -7.06
N THR B 81 -31.13 10.29 -7.60
CA THR B 81 -30.77 9.62 -8.85
C THR B 81 -30.74 8.11 -8.65
N GLN B 82 -30.11 7.64 -7.57
CA GLN B 82 -30.13 6.20 -7.24
C GLN B 82 -31.55 5.65 -7.09
N LEU B 83 -32.41 6.37 -6.39
CA LEU B 83 -33.81 5.95 -6.22
C LEU B 83 -34.52 5.80 -7.57
N GLN B 84 -34.35 6.78 -8.43
CA GLN B 84 -34.93 6.73 -9.76
C GLN B 84 -34.39 5.52 -10.54
N GLN B 85 -33.07 5.29 -10.49
CA GLN B 85 -32.46 4.13 -11.16
C GLN B 85 -33.05 2.82 -10.64
N ILE B 86 -33.29 2.74 -9.33
CA ILE B 86 -33.90 1.56 -8.74
C ILE B 86 -35.34 1.38 -9.22
N LYS B 87 -36.12 2.46 -9.19
CA LYS B 87 -37.52 2.43 -9.66
C LYS B 87 -37.66 1.97 -11.11
N GLN B 88 -36.78 2.46 -11.98
CA GLN B 88 -36.75 2.08 -13.39
C GLN B 88 -36.47 0.59 -13.58
N LEU B 89 -35.79 -0.02 -12.62
CA LEU B 89 -35.33 -1.39 -12.74
C LEU B 89 -36.38 -2.43 -12.35
N ILE B 90 -37.18 -2.11 -11.35
CA ILE B 90 -38.13 -3.06 -10.77
C ILE B 90 -39.54 -2.94 -11.39
N SER B 91 -40.27 -4.05 -11.38
CA SER B 91 -41.65 -4.06 -11.87
C SER B 91 -42.55 -3.21 -10.98
N SER B 92 -43.54 -2.57 -11.60
CA SER B 92 -44.50 -1.71 -10.89
C SER B 92 -45.41 -2.53 -9.97
N GLU B 93 -45.12 -3.83 -9.91
CA GLU B 93 -45.90 -4.82 -9.15
C GLU B 93 -45.32 -5.06 -7.75
N ILE B 94 -44.04 -4.77 -7.57
CA ILE B 94 -43.40 -5.04 -6.29
C ILE B 94 -43.40 -3.81 -5.36
N GLU B 95 -43.69 -4.03 -4.08
CA GLU B 95 -43.88 -2.93 -3.11
C GLU B 95 -42.55 -2.36 -2.60
N ILE B 96 -42.43 -1.04 -2.59
CA ILE B 96 -41.24 -0.38 -2.04
C ILE B 96 -41.49 0.17 -0.65
N ILE B 97 -40.83 -0.41 0.35
CA ILE B 97 -40.98 0.09 1.71
C ILE B 97 -39.76 0.88 2.16
N PHE B 98 -40.01 2.11 2.62
CA PHE B 98 -38.99 3.00 3.14
C PHE B 98 -38.89 2.91 4.66
N ILE B 99 -37.70 2.62 5.14
CA ILE B 99 -37.42 2.52 6.56
C ILE B 99 -36.22 3.41 6.88
N PRO B 100 -35.97 3.70 8.17
CA PRO B 100 -34.77 4.49 8.48
C PRO B 100 -33.50 3.71 8.11
N HIS B 101 -32.48 4.44 7.66
CA HIS B 101 -31.19 3.83 7.35
C HIS B 101 -30.70 3.00 8.53
N GLU B 102 -30.92 3.54 9.74
CA GLU B 102 -30.56 2.85 10.96
C GLU B 102 -31.18 1.45 11.01
N GLU B 103 -32.40 1.34 10.47
CA GLU B 103 -33.09 0.05 10.38
C GLU B 103 -32.57 -0.79 9.22
N MET B 104 -32.16 -0.15 8.13
CA MET B 104 -31.50 -0.86 7.03
C MET B 104 -30.26 -1.59 7.55
N LYS B 105 -29.55 -0.94 8.49
CA LYS B 105 -28.38 -1.53 9.15
C LYS B 105 -28.73 -2.69 10.08
N SER B 106 -29.85 -2.58 10.81
CA SER B 106 -30.31 -3.66 11.69
C SER B 106 -30.66 -4.88 10.86
N ASN B 107 -31.24 -4.63 9.69
CA ASN B 107 -31.69 -5.71 8.82
C ASN B 107 -30.56 -6.54 8.21
N LEU B 108 -29.33 -6.00 8.27
CA LEU B 108 -28.12 -6.73 7.91
C LEU B 108 -27.94 -7.98 8.80
N ALA B 109 -28.54 -7.95 9.99
CA ALA B 109 -28.49 -9.08 10.91
C ALA B 109 -29.87 -9.70 11.15
N HIS B 110 -30.79 -9.52 10.20
CA HIS B 110 -32.14 -10.07 10.29
C HIS B 110 -32.10 -11.60 10.27
N PRO B 111 -32.89 -12.25 11.15
CA PRO B 111 -32.88 -13.72 11.23
C PRO B 111 -33.12 -14.43 9.90
N LEU B 112 -33.82 -13.78 8.97
CA LEU B 112 -34.10 -14.39 7.68
C LEU B 112 -33.16 -13.88 6.58
N ASN B 113 -32.16 -13.09 6.97
CA ASN B 113 -31.18 -12.58 6.03
C ASN B 113 -30.26 -13.68 5.54
N LYS B 114 -30.33 -13.97 4.23
CA LYS B 114 -29.54 -15.05 3.63
C LYS B 114 -28.22 -14.57 2.98
N GLY B 115 -27.97 -13.26 2.98
CA GLY B 115 -26.71 -12.72 2.43
C GLY B 115 -26.61 -11.21 2.35
N ASN B 116 -25.41 -10.71 2.62
CA ASN B 116 -25.11 -9.29 2.50
C ASN B 116 -24.04 -8.96 1.46
N ILE B 117 -24.48 -8.58 0.26
CA ILE B 117 -23.55 -8.31 -0.83
C ILE B 117 -23.00 -6.91 -0.70
N ARG B 118 -21.67 -6.81 -0.70
CA ARG B 118 -20.95 -5.54 -0.69
C ARG B 118 -20.45 -5.21 -2.09
N THR B 119 -20.79 -4.02 -2.56
CA THR B 119 -20.32 -3.50 -3.84
C THR B 119 -19.28 -2.40 -3.60
N GLY B 120 -18.72 -1.86 -4.68
CA GLY B 120 -17.77 -0.75 -4.58
C GLY B 120 -18.41 0.62 -4.58
N GLU B 121 -19.75 0.65 -4.56
CA GLU B 121 -20.53 1.89 -4.69
C GLU B 121 -20.16 2.89 -3.60
N THR B 122 -19.97 4.15 -3.99
CA THR B 122 -19.61 5.18 -3.02
C THR B 122 -20.69 6.26 -2.81
N THR B 123 -21.71 6.30 -3.67
CA THR B 123 -22.79 7.28 -3.48
C THR B 123 -23.70 6.86 -2.31
N PRO B 124 -24.01 7.82 -1.41
CA PRO B 124 -24.70 7.61 -0.14
C PRO B 124 -26.04 6.89 -0.27
N TYR B 125 -26.29 5.97 0.67
CA TYR B 125 -27.54 5.24 0.79
C TYR B 125 -27.87 4.36 -0.41
N SER B 126 -26.84 3.91 -1.10
CA SER B 126 -27.02 2.92 -2.16
C SER B 126 -27.06 1.54 -1.53
N ASN B 127 -28.14 1.28 -0.79
CA ASN B 127 -28.36 0.00 -0.11
C ASN B 127 -29.79 -0.43 -0.31
N ILE B 128 -30.01 -1.73 -0.43
CA ILE B 128 -31.33 -2.28 -0.69
C ILE B 128 -31.43 -3.63 0.01
N ALA B 129 -32.66 -4.04 0.34
CA ALA B 129 -32.91 -5.40 0.81
C ALA B 129 -34.03 -6.00 -0.02
N LEU B 130 -33.80 -7.23 -0.50
CA LEU B 130 -34.75 -7.88 -1.37
C LEU B 130 -35.42 -9.04 -0.64
N GLU B 131 -36.75 -9.03 -0.63
CA GLU B 131 -37.53 -10.06 0.03
C GLU B 131 -38.10 -10.98 -1.03
N SER B 132 -37.83 -12.27 -0.87
CA SER B 132 -38.22 -13.25 -1.87
C SER B 132 -39.72 -13.52 -1.79
N ASN B 133 -40.33 -13.75 -2.94
CA ASN B 133 -41.66 -14.34 -3.03
C ASN B 133 -41.53 -15.85 -2.84
N VAL B 134 -42.61 -16.59 -3.04
CA VAL B 134 -42.56 -18.06 -3.07
C VAL B 134 -41.77 -18.48 -4.32
N THR B 135 -40.72 -19.29 -4.12
CA THR B 135 -39.95 -19.86 -5.23
C THR B 135 -40.45 -21.26 -5.62
N ALA C 7 -10.71 5.44 0.29
CA ALA C 7 -10.20 4.23 -0.41
C ALA C 7 -11.03 2.99 -0.09
N VAL C 8 -11.61 2.39 -1.12
CA VAL C 8 -12.33 1.12 -0.99
C VAL C 8 -11.51 -0.03 -1.55
N LEU C 9 -11.52 -1.14 -0.81
CA LEU C 9 -10.74 -2.30 -1.18
C LEU C 9 -11.46 -3.56 -0.72
N ASN C 10 -11.17 -4.65 -1.40
CA ASN C 10 -11.72 -5.94 -1.09
C ASN C 10 -11.04 -6.50 0.17
N GLU C 11 -11.85 -6.97 1.11
CA GLU C 11 -11.35 -7.57 2.34
C GLU C 11 -10.49 -8.81 2.06
N HIS C 12 -10.98 -9.69 1.18
CA HIS C 12 -10.24 -10.90 0.85
C HIS C 12 -8.91 -10.58 0.16
N ILE C 13 -8.95 -9.70 -0.83
CA ILE C 13 -7.73 -9.31 -1.52
C ILE C 13 -6.71 -8.73 -0.53
N SER C 14 -7.16 -7.77 0.29
CA SER C 14 -6.28 -7.11 1.26
C SER C 14 -5.67 -8.09 2.26
N LYS C 15 -6.46 -9.05 2.71
CA LYS C 15 -5.99 -10.08 3.64
C LYS C 15 -4.99 -11.04 2.98
N ALA C 16 -5.27 -11.44 1.74
CA ALA C 16 -4.36 -12.30 0.97
C ALA C 16 -2.99 -11.64 0.78
N ILE C 17 -3.02 -10.33 0.51
CA ILE C 17 -1.81 -9.56 0.24
C ILE C 17 -0.94 -9.40 1.50
N ALA C 18 -1.60 -9.23 2.64
CA ALA C 18 -0.92 -9.19 3.94
C ALA C 18 -0.06 -10.43 4.20
N THR C 19 -0.44 -11.58 3.63
CA THR C 19 0.30 -12.84 3.80
C THR C 19 1.36 -13.08 2.72
N ILE C 20 1.54 -12.12 1.82
CA ILE C 20 2.36 -12.32 0.62
C ILE C 20 3.79 -11.82 0.83
N GLY C 21 4.75 -12.70 0.62
CA GLY C 21 6.16 -12.35 0.66
C GLY C 21 6.88 -12.79 -0.60
N HIS C 22 8.15 -12.42 -0.69
CA HIS C 22 9.05 -12.82 -1.78
C HIS C 22 8.74 -14.24 -2.29
N PHE C 23 8.59 -14.36 -3.60
CA PHE C 23 8.28 -15.64 -4.31
C PHE C 23 6.81 -16.10 -4.27
N ASP C 24 6.00 -15.50 -3.40
CA ASP C 24 4.59 -15.86 -3.32
C ASP C 24 3.84 -15.39 -4.57
N LEU C 25 2.82 -16.16 -4.94
CA LEU C 25 2.00 -15.88 -6.11
C LEU C 25 0.62 -15.37 -5.73
N LEU C 26 0.07 -14.52 -6.60
CA LEU C 26 -1.33 -14.13 -6.55
C LEU C 26 -1.82 -14.10 -8.01
N THR C 27 -2.96 -14.72 -8.27
CA THR C 27 -3.48 -14.81 -9.63
C THR C 27 -4.75 -14.00 -9.82
N ILE C 28 -4.90 -13.46 -11.03
CA ILE C 28 -6.14 -12.85 -11.45
C ILE C 28 -6.56 -13.58 -12.71
N ASN C 29 -7.84 -13.96 -12.76
CA ASN C 29 -8.33 -14.87 -13.78
C ASN C 29 -9.65 -14.42 -14.44
N ASP C 30 -9.87 -14.90 -15.67
CA ASP C 30 -11.14 -14.68 -16.34
C ASP C 30 -12.25 -15.61 -15.84
N ALA C 31 -13.49 -15.35 -16.28
CA ALA C 31 -14.67 -16.04 -15.77
C ALA C 31 -14.71 -17.56 -15.96
N GLY C 32 -14.09 -18.06 -17.03
CA GLY C 32 -14.11 -19.48 -17.36
C GLY C 32 -12.94 -20.32 -16.85
N MET C 33 -12.00 -19.68 -16.17
CA MET C 33 -10.81 -20.37 -15.64
C MET C 33 -11.23 -21.34 -14.53
N PRO C 34 -10.79 -22.61 -14.62
CA PRO C 34 -11.12 -23.58 -13.57
C PRO C 34 -10.38 -23.36 -12.26
N ILE C 35 -10.91 -22.46 -11.43
CA ILE C 35 -10.30 -22.16 -10.15
C ILE C 35 -10.80 -23.15 -9.08
N PRO C 36 -9.85 -23.87 -8.44
CA PRO C 36 -10.19 -24.84 -7.39
C PRO C 36 -10.98 -24.20 -6.25
N ASN C 37 -12.01 -24.90 -5.80
CA ASN C 37 -12.82 -24.43 -4.68
C ASN C 37 -12.11 -24.69 -3.37
N ASP C 38 -11.21 -23.77 -3.00
CA ASP C 38 -10.54 -23.82 -1.71
C ASP C 38 -10.56 -22.45 -1.03
N HIS C 39 -9.71 -22.26 -0.03
CA HIS C 39 -9.66 -21.01 0.73
C HIS C 39 -9.03 -19.85 -0.07
N ARG C 40 -8.35 -20.19 -1.17
CA ARG C 40 -7.65 -19.20 -2.01
C ARG C 40 -8.59 -18.53 -3.01
N ARG C 41 -9.75 -19.13 -3.26
CA ARG C 41 -10.68 -18.62 -4.26
C ARG C 41 -11.37 -17.32 -3.83
N ILE C 42 -11.14 -16.26 -4.59
CA ILE C 42 -11.74 -14.96 -4.37
C ILE C 42 -12.59 -14.59 -5.59
N ASP C 43 -13.90 -14.83 -5.47
CA ASP C 43 -14.84 -14.64 -6.58
C ASP C 43 -15.46 -13.23 -6.60
N LEU C 44 -15.07 -12.45 -7.61
CA LEU C 44 -15.57 -11.08 -7.78
C LEU C 44 -16.47 -10.95 -8.99
N ALA C 45 -16.61 -12.04 -9.76
CA ALA C 45 -17.49 -12.04 -10.91
C ALA C 45 -18.90 -11.57 -10.55
N VAL C 46 -19.46 -10.69 -11.39
CA VAL C 46 -20.84 -10.24 -11.23
C VAL C 46 -21.68 -10.77 -12.40
N THR C 47 -21.27 -10.38 -13.60
CA THR C 47 -21.90 -10.84 -14.83
C THR C 47 -20.84 -10.76 -15.93
N LYS C 48 -21.22 -11.07 -17.16
CA LYS C 48 -20.32 -11.00 -18.32
C LYS C 48 -19.54 -9.68 -18.33
N ASN C 49 -18.21 -9.79 -18.25
CA ASN C 49 -17.30 -8.62 -18.32
C ASN C 49 -17.44 -7.58 -17.21
N LEU C 50 -17.82 -8.04 -16.02
CA LEU C 50 -17.89 -7.17 -14.85
C LEU C 50 -17.52 -8.00 -13.63
N PRO C 51 -16.39 -7.68 -12.96
CA PRO C 51 -15.43 -6.68 -13.38
C PRO C 51 -14.51 -7.21 -14.50
N ARG C 52 -13.95 -6.31 -15.31
CA ARG C 52 -12.96 -6.68 -16.34
C ARG C 52 -11.66 -7.11 -15.68
N PHE C 53 -10.96 -8.02 -16.34
CA PHE C 53 -9.65 -8.46 -15.89
C PHE C 53 -8.69 -7.28 -15.72
N ILE C 54 -8.61 -6.40 -16.71
CA ILE C 54 -7.62 -5.32 -16.68
C ILE C 54 -7.80 -4.32 -15.51
N ASP C 55 -9.04 -4.07 -15.13
CA ASP C 55 -9.37 -3.18 -14.00
C ASP C 55 -8.97 -3.79 -12.67
N VAL C 56 -9.21 -5.09 -12.50
CA VAL C 56 -8.80 -5.75 -11.26
C VAL C 56 -7.26 -5.81 -11.20
N LEU C 57 -6.62 -6.11 -12.33
CA LEU C 57 -5.15 -6.10 -12.38
C LEU C 57 -4.60 -4.73 -11.97
N ALA C 58 -5.15 -3.67 -12.55
CA ALA C 58 -4.71 -2.30 -12.23
C ALA C 58 -4.82 -1.99 -10.75
N THR C 59 -5.91 -2.45 -10.12
CA THR C 59 -6.16 -2.21 -8.70
C THR C 59 -5.16 -2.98 -7.84
N VAL C 60 -4.98 -4.26 -8.15
CA VAL C 60 -4.09 -5.13 -7.39
C VAL C 60 -2.63 -4.65 -7.45
N LEU C 61 -2.17 -4.22 -8.63
CA LEU C 61 -0.80 -3.72 -8.80
C LEU C 61 -0.50 -2.46 -7.98
N GLU C 62 -1.52 -1.71 -7.60
CA GLU C 62 -1.35 -0.58 -6.67
C GLU C 62 -1.05 -1.05 -5.25
N GLU C 63 -1.53 -2.25 -4.91
CA GLU C 63 -1.38 -2.78 -3.55
C GLU C 63 -0.16 -3.70 -3.41
N MET C 64 0.46 -4.08 -4.54
CA MET C 64 1.58 -5.04 -4.52
C MET C 64 2.89 -4.50 -5.09
N GLU C 65 3.99 -5.17 -4.75
CA GLU C 65 5.26 -5.00 -5.44
C GLU C 65 5.56 -6.33 -6.12
N ILE C 66 5.78 -6.30 -7.43
CA ILE C 66 5.97 -7.54 -8.19
C ILE C 66 7.33 -7.60 -8.86
N GLN C 67 7.89 -8.81 -8.96
CA GLN C 67 9.15 -9.03 -9.67
C GLN C 67 8.97 -9.75 -11.01
N LYS C 68 7.95 -10.61 -11.10
CA LYS C 68 7.68 -11.38 -12.32
C LYS C 68 6.19 -11.56 -12.52
N ILE C 69 5.77 -11.69 -13.78
CA ILE C 69 4.43 -12.17 -14.09
C ILE C 69 4.48 -13.40 -14.98
N TYR C 70 3.47 -14.26 -14.82
CA TYR C 70 3.28 -15.40 -15.69
C TYR C 70 2.02 -15.22 -16.52
N LEU C 71 2.15 -15.45 -17.82
CA LEU C 71 1.05 -15.38 -18.78
C LEU C 71 1.05 -16.62 -19.66
N ALA C 72 -0.10 -16.93 -20.24
CA ALA C 72 -0.19 -18.06 -21.16
C ALA C 72 0.47 -17.70 -22.48
N GLU C 73 1.28 -18.63 -23.01
CA GLU C 73 1.89 -18.43 -24.33
C GLU C 73 0.79 -18.10 -25.34
N GLU C 74 -0.35 -18.78 -25.18
CA GLU C 74 -1.53 -18.60 -26.01
C GLU C 74 -2.07 -17.17 -26.12
N ILE C 75 -1.79 -16.32 -25.11
CA ILE C 75 -2.27 -14.93 -25.12
C ILE C 75 -1.72 -14.15 -26.31
N LYS C 76 -0.51 -14.49 -26.77
CA LYS C 76 0.13 -13.81 -27.90
C LYS C 76 -0.71 -13.87 -29.17
N GLU C 77 -1.22 -15.04 -29.52
CA GLU C 77 -2.03 -15.19 -30.74
C GLU C 77 -3.51 -14.90 -30.49
N HIS C 78 -4.03 -15.43 -29.38
CA HIS C 78 -5.47 -15.44 -29.15
C HIS C 78 -6.02 -14.17 -28.47
N ASN C 79 -5.16 -13.41 -27.79
CA ASN C 79 -5.59 -12.16 -27.14
C ASN C 79 -4.50 -11.10 -27.10
N PRO C 80 -4.07 -10.62 -28.28
CA PRO C 80 -2.96 -9.67 -28.27
C PRO C 80 -3.32 -8.33 -27.64
N THR C 81 -4.61 -7.96 -27.66
CA THR C 81 -4.98 -6.67 -27.10
C THR C 81 -4.89 -6.69 -25.57
N GLN C 82 -5.24 -7.82 -24.96
CA GLN C 82 -5.02 -7.98 -23.52
C GLN C 82 -3.52 -7.98 -23.17
N LEU C 83 -2.70 -8.69 -23.95
CA LEU C 83 -1.26 -8.68 -23.71
C LEU C 83 -0.72 -7.25 -23.72
N GLN C 84 -1.13 -6.47 -24.72
CA GLN C 84 -0.71 -5.09 -24.83
C GLN C 84 -1.20 -4.27 -23.62
N GLN C 85 -2.43 -4.53 -23.17
CA GLN C 85 -2.96 -3.80 -22.00
C GLN C 85 -2.17 -4.11 -20.73
N ILE C 86 -1.71 -5.35 -20.58
CA ILE C 86 -0.88 -5.74 -19.44
C ILE C 86 0.49 -5.03 -19.49
N LYS C 87 1.16 -5.09 -20.65
CA LYS C 87 2.45 -4.41 -20.87
C LYS C 87 2.41 -2.92 -20.53
N GLN C 88 1.30 -2.26 -20.88
CA GLN C 88 1.05 -0.85 -20.57
C GLN C 88 0.98 -0.58 -19.07
N LEU C 89 0.58 -1.59 -18.30
CA LEU C 89 0.30 -1.42 -16.87
C LEU C 89 1.52 -1.67 -15.97
N ILE C 90 2.37 -2.59 -16.38
CA ILE C 90 3.54 -2.97 -15.58
C ILE C 90 4.79 -2.20 -16.02
N SER C 91 5.77 -2.09 -15.14
CA SER C 91 7.07 -1.50 -15.49
C SER C 91 7.90 -2.45 -16.35
N SER C 92 8.85 -1.89 -17.11
CA SER C 92 9.70 -2.71 -17.98
C SER C 92 10.89 -3.30 -17.21
N GLU C 93 10.93 -3.02 -15.91
CA GLU C 93 11.82 -3.69 -14.97
C GLU C 93 11.35 -5.13 -14.78
N ILE C 94 10.03 -5.34 -14.73
CA ILE C 94 9.50 -6.65 -14.35
C ILE C 94 9.47 -7.65 -15.50
N GLU C 95 9.89 -8.87 -15.19
CA GLU C 95 10.06 -9.91 -16.18
C GLU C 95 8.72 -10.57 -16.57
N ILE C 96 8.52 -10.79 -17.86
CA ILE C 96 7.33 -11.47 -18.33
C ILE C 96 7.67 -12.89 -18.78
N ILE C 97 7.11 -13.88 -18.11
CA ILE C 97 7.36 -15.26 -18.48
C ILE C 97 6.12 -15.95 -19.06
N PHE C 98 6.25 -16.39 -20.31
CA PHE C 98 5.20 -17.14 -21.01
C PHE C 98 5.36 -18.64 -20.80
N ILE C 99 4.31 -19.26 -20.26
CA ILE C 99 4.25 -20.70 -20.07
C ILE C 99 2.98 -21.17 -20.76
N PRO C 100 2.83 -22.49 -21.01
CA PRO C 100 1.57 -22.91 -21.61
C PRO C 100 0.38 -22.67 -20.68
N HIS C 101 -0.79 -22.39 -21.26
CA HIS C 101 -2.02 -22.20 -20.48
C HIS C 101 -2.26 -23.33 -19.47
N GLU C 102 -2.00 -24.56 -19.91
CA GLU C 102 -2.08 -25.74 -19.04
C GLU C 102 -1.28 -25.58 -17.76
N GLU C 103 -0.11 -24.96 -17.87
CA GLU C 103 0.73 -24.69 -16.69
C GLU C 103 0.20 -23.54 -15.85
N MET C 104 -0.47 -22.57 -16.50
CA MET C 104 -1.20 -21.51 -15.79
C MET C 104 -2.27 -22.14 -14.89
N LYS C 105 -2.98 -23.14 -15.41
CA LYS C 105 -3.96 -23.91 -14.62
C LYS C 105 -3.33 -24.63 -13.43
N SER C 106 -2.25 -25.39 -13.68
CA SER C 106 -1.45 -25.99 -12.58
C SER C 106 -1.11 -25.00 -11.49
N ASN C 107 -0.71 -23.79 -11.88
CA ASN C 107 -0.23 -22.80 -10.92
C ASN C 107 -1.29 -22.24 -9.97
N LEU C 108 -2.56 -22.56 -10.25
CA LEU C 108 -3.66 -22.22 -9.34
C LEU C 108 -3.57 -23.03 -8.06
N ALA C 109 -2.76 -24.10 -8.10
CA ALA C 109 -2.55 -24.98 -6.94
C ALA C 109 -1.11 -24.91 -6.46
N HIS C 110 -0.33 -24.00 -7.02
CA HIS C 110 1.07 -23.84 -6.67
C HIS C 110 1.20 -23.62 -5.17
N PRO C 111 2.21 -24.27 -4.53
CA PRO C 111 2.50 -24.18 -3.10
C PRO C 111 2.58 -22.76 -2.53
N LEU C 112 3.09 -21.82 -3.32
CA LEU C 112 3.28 -20.45 -2.87
C LEU C 112 2.15 -19.52 -3.33
N ASN C 113 1.08 -20.11 -3.87
CA ASN C 113 -0.09 -19.36 -4.30
C ASN C 113 -0.92 -18.91 -3.10
N LYS C 114 -1.08 -17.59 -2.97
CA LYS C 114 -1.76 -17.01 -1.82
C LYS C 114 -3.17 -16.48 -2.15
N GLY C 115 -3.67 -16.81 -3.34
CA GLY C 115 -4.97 -16.34 -3.76
C GLY C 115 -5.22 -16.47 -5.26
N ASN C 116 -6.45 -16.86 -5.59
CA ASN C 116 -6.90 -16.99 -6.96
C ASN C 116 -8.13 -16.11 -7.19
N ILE C 117 -7.93 -14.95 -7.79
CA ILE C 117 -9.01 -13.99 -7.97
C ILE C 117 -9.73 -14.26 -9.28
N ARG C 118 -11.07 -14.34 -9.20
CA ARG C 118 -11.91 -14.56 -10.37
C ARG C 118 -12.64 -13.27 -10.74
N THR C 119 -12.54 -12.90 -12.01
CA THR C 119 -13.23 -11.74 -12.55
C THR C 119 -14.35 -12.19 -13.48
N GLY C 120 -15.11 -11.23 -14.01
CA GLY C 120 -16.17 -11.53 -14.96
C GLY C 120 -15.70 -11.58 -16.41
N GLU C 121 -14.39 -11.43 -16.62
CA GLU C 121 -13.81 -11.32 -17.97
C GLU C 121 -14.14 -12.51 -18.86
N THR C 122 -14.53 -12.24 -20.11
CA THR C 122 -14.85 -13.31 -21.06
C THR C 122 -13.84 -13.47 -22.21
N THR C 123 -13.02 -12.47 -22.49
CA THR C 123 -12.02 -12.61 -23.55
C THR C 123 -10.94 -13.64 -23.14
N PRO C 124 -10.56 -14.53 -24.09
CA PRO C 124 -9.75 -15.71 -23.75
C PRO C 124 -8.32 -15.39 -23.30
N TYR C 125 -7.81 -16.22 -22.39
CA TYR C 125 -6.45 -16.15 -21.88
C TYR C 125 -6.15 -14.89 -21.06
N SER C 126 -7.22 -14.29 -20.53
CA SER C 126 -7.09 -13.16 -19.61
C SER C 126 -6.83 -13.71 -18.23
N ASN C 127 -5.65 -14.28 -18.06
CA ASN C 127 -5.20 -14.84 -16.80
C ASN C 127 -3.76 -14.45 -16.58
N ILE C 128 -3.38 -14.26 -15.32
CA ILE C 128 -2.06 -13.80 -14.94
C ILE C 128 -1.74 -14.35 -13.56
N ALA C 129 -0.46 -14.58 -13.31
CA ALA C 129 0.01 -14.86 -11.96
C ALA C 129 1.09 -13.84 -11.66
N LEU C 130 1.00 -13.23 -10.49
CA LEU C 130 1.92 -12.17 -10.08
C LEU C 130 2.83 -12.71 -9.00
N GLU C 131 4.14 -12.52 -9.20
CA GLU C 131 5.12 -13.01 -8.24
C GLU C 131 5.69 -11.87 -7.43
N SER C 132 5.58 -12.01 -6.12
CA SER C 132 6.01 -10.95 -5.21
C SER C 132 7.52 -10.77 -5.13
N ASN C 133 7.93 -9.51 -4.97
CA ASN C 133 9.30 -9.16 -4.62
C ASN C 133 9.41 -9.10 -3.10
N VAL C 134 10.52 -8.61 -2.58
CA VAL C 134 10.72 -8.50 -1.13
C VAL C 134 9.78 -7.45 -0.54
N THR C 135 8.98 -7.86 0.44
CA THR C 135 8.04 -6.94 1.11
C THR C 135 8.47 -6.46 2.50
N PHE C 136 9.13 -7.35 3.25
CA PHE C 136 9.58 -7.12 4.65
C PHE C 136 8.70 -7.84 5.68
N ALA D 7 22.32 22.16 15.69
CA ALA D 7 22.74 21.29 14.55
C ALA D 7 21.95 19.97 14.54
N VAL D 8 21.55 19.55 13.35
CA VAL D 8 20.81 18.29 13.19
C VAL D 8 21.65 17.20 12.53
N LEU D 9 21.72 16.06 13.20
CA LEU D 9 22.51 14.92 12.74
C LEU D 9 21.70 13.67 13.01
N ASN D 10 21.98 12.63 12.24
CA ASN D 10 21.39 11.33 12.47
C ASN D 10 21.98 10.70 13.74
N GLU D 11 21.11 10.14 14.58
CA GLU D 11 21.51 9.50 15.83
C GLU D 11 22.36 8.25 15.61
N HIS D 12 21.91 7.38 14.71
CA HIS D 12 22.63 6.15 14.38
C HIS D 12 23.97 6.41 13.68
N ILE D 13 24.04 7.46 12.87
CA ILE D 13 25.29 7.84 12.20
C ILE D 13 26.30 8.43 13.19
N SER D 14 25.84 9.32 14.07
CA SER D 14 26.70 9.94 15.07
C SER D 14 27.27 8.91 16.03
N LYS D 15 26.45 7.92 16.36
CA LYS D 15 26.84 6.79 17.20
C LYS D 15 27.94 6.00 16.53
N ALA D 16 27.69 5.55 15.30
CA ALA D 16 28.65 4.80 14.51
C ALA D 16 29.96 5.56 14.29
N ILE D 17 29.87 6.84 13.93
CA ILE D 17 31.07 7.66 13.75
C ILE D 17 31.94 7.69 15.02
N ALA D 18 31.29 7.69 16.17
CA ALA D 18 32.00 7.66 17.46
C ALA D 18 32.69 6.33 17.74
N THR D 19 32.16 5.21 17.20
CA THR D 19 32.80 3.89 17.33
C THR D 19 33.94 3.67 16.34
N ILE D 20 34.16 4.65 15.46
CA ILE D 20 35.08 4.53 14.34
C ILE D 20 36.49 5.04 14.64
N GLY D 21 37.45 4.15 14.42
CA GLY D 21 38.89 4.47 14.53
C GLY D 21 39.64 4.09 13.27
N HIS D 22 40.95 4.27 13.33
CA HIS D 22 41.86 3.96 12.22
C HIS D 22 41.56 2.57 11.63
N PHE D 23 41.47 2.51 10.30
CA PHE D 23 41.18 1.28 9.53
C PHE D 23 39.70 0.88 9.46
N ASP D 24 38.87 1.45 10.34
CA ASP D 24 37.42 1.18 10.34
C ASP D 24 36.73 1.71 9.06
N LEU D 25 35.69 0.99 8.62
CA LEU D 25 34.93 1.35 7.44
C LEU D 25 33.50 1.78 7.76
N LEU D 26 33.04 2.80 7.05
CA LEU D 26 31.64 3.22 7.07
C LEU D 26 31.15 3.36 5.63
N THR D 27 30.03 2.73 5.30
CA THR D 27 29.56 2.78 3.92
C THR D 27 28.28 3.60 3.73
N ILE D 28 28.15 4.16 2.54
CA ILE D 28 26.93 4.83 2.10
C ILE D 28 26.53 4.17 0.79
N ASN D 29 25.25 3.87 0.66
CA ASN D 29 24.78 2.98 -0.41
C ASN D 29 23.50 3.46 -1.07
N ASP D 30 23.23 2.98 -2.28
CA ASP D 30 21.98 3.30 -2.96
C ASP D 30 20.86 2.36 -2.53
N ALA D 31 19.63 2.65 -2.97
CA ALA D 31 18.42 1.94 -2.52
C ALA D 31 18.43 0.42 -2.78
N GLY D 32 19.14 0.00 -3.83
CA GLY D 32 19.18 -1.40 -4.25
C GLY D 32 20.35 -2.25 -3.75
N MET D 33 21.34 -1.62 -3.10
CA MET D 33 22.49 -2.34 -2.54
C MET D 33 22.00 -3.37 -1.52
N PRO D 34 22.38 -4.65 -1.69
CA PRO D 34 21.92 -5.68 -0.75
C PRO D 34 22.67 -5.60 0.57
N ILE D 35 22.25 -4.68 1.42
CA ILE D 35 22.84 -4.51 2.73
C ILE D 35 22.38 -5.64 3.65
N PRO D 36 23.33 -6.37 4.26
CA PRO D 36 22.97 -7.39 5.26
C PRO D 36 22.09 -6.81 6.36
N ASN D 37 21.12 -7.60 6.80
CA ASN D 37 20.19 -7.20 7.85
C ASN D 37 20.74 -7.47 9.23
N ASP D 38 21.43 -6.47 9.79
CA ASP D 38 22.05 -6.58 11.12
C ASP D 38 22.13 -5.20 11.80
N HIS D 39 22.92 -5.12 12.87
CA HIS D 39 23.06 -3.89 13.67
C HIS D 39 23.85 -2.76 12.99
N ARG D 40 24.53 -3.07 11.89
CA ARG D 40 25.29 -2.06 11.14
C ARG D 40 24.39 -1.30 10.17
N ARG D 41 23.27 -1.91 9.78
CA ARG D 41 22.37 -1.33 8.79
C ARG D 41 21.63 -0.09 9.28
N ILE D 42 21.75 0.99 8.51
CA ILE D 42 21.15 2.27 8.85
C ILE D 42 20.33 2.73 7.65
N ASP D 43 19.02 2.49 7.72
CA ASP D 43 18.14 2.79 6.62
C ASP D 43 17.57 4.22 6.71
N LEU D 44 18.07 5.11 5.86
CA LEU D 44 17.58 6.49 5.77
C LEU D 44 16.65 6.68 4.58
N ALA D 45 16.49 5.65 3.75
CA ALA D 45 15.65 5.78 2.55
C ALA D 45 14.22 6.22 2.90
N VAL D 46 13.70 7.19 2.15
CA VAL D 46 12.30 7.60 2.31
C VAL D 46 11.48 7.12 1.11
N THR D 47 11.90 7.56 -0.07
CA THR D 47 11.29 7.16 -1.33
C THR D 47 12.38 7.30 -2.41
N LYS D 48 12.01 7.09 -3.67
CA LYS D 48 12.96 7.21 -4.78
C LYS D 48 13.75 8.52 -4.71
N ASN D 49 15.08 8.39 -4.64
CA ASN D 49 16.00 9.53 -4.63
C ASN D 49 15.84 10.48 -3.45
N LEU D 50 15.40 9.95 -2.32
CA LEU D 50 15.34 10.75 -1.09
C LEU D 50 15.71 9.86 0.07
N PRO D 51 16.80 10.18 0.78
CA PRO D 51 17.74 11.23 0.40
C PRO D 51 18.68 10.75 -0.72
N ARG D 52 19.27 11.69 -1.43
CA ARG D 52 20.27 11.39 -2.46
C ARG D 52 21.56 10.88 -1.81
N PHE D 53 22.22 9.96 -2.50
CA PHE D 53 23.54 9.47 -2.10
C PHE D 53 24.49 10.63 -1.86
N ILE D 54 24.53 11.58 -2.79
CA ILE D 54 25.53 12.63 -2.72
C ILE D 54 25.38 13.56 -1.51
N ASP D 55 24.14 13.78 -1.10
CA ASP D 55 23.84 14.66 0.04
C ASP D 55 24.24 14.02 1.36
N VAL D 56 23.99 12.72 1.48
CA VAL D 56 24.40 11.95 2.66
C VAL D 56 25.92 11.89 2.75
N LEU D 57 26.58 11.64 1.61
CA LEU D 57 28.04 11.65 1.57
C LEU D 57 28.60 13.01 2.03
N ALA D 58 28.11 14.11 1.46
CA ALA D 58 28.58 15.46 1.86
C ALA D 58 28.47 15.69 3.36
N THR D 59 27.40 15.17 3.97
CA THR D 59 27.13 15.34 5.38
C THR D 59 28.09 14.51 6.23
N VAL D 60 28.32 13.28 5.85
CA VAL D 60 29.18 12.37 6.60
C VAL D 60 30.63 12.88 6.61
N LEU D 61 31.11 13.34 5.45
CA LEU D 61 32.47 13.86 5.30
C LEU D 61 32.80 15.04 6.23
N GLU D 62 31.79 15.84 6.57
CA GLU D 62 31.98 16.92 7.54
C GLU D 62 32.23 16.37 8.96
N GLU D 63 31.73 15.15 9.23
CA GLU D 63 31.86 14.54 10.56
C GLU D 63 32.98 13.49 10.68
N MET D 64 33.88 13.41 9.70
CA MET D 64 34.88 12.33 9.68
C MET D 64 36.27 12.71 9.16
N GLU D 65 37.26 11.96 9.63
CA GLU D 65 38.61 11.98 9.08
C GLU D 65 38.78 10.75 8.20
N ILE D 66 38.91 10.97 6.89
CA ILE D 66 39.02 9.86 5.95
C ILE D 66 40.40 9.77 5.30
N GLN D 67 40.91 8.56 5.12
CA GLN D 67 42.19 8.35 4.43
C GLN D 67 42.06 7.70 3.05
N LYS D 68 41.15 6.73 2.94
CA LYS D 68 40.88 6.04 1.67
C LYS D 68 39.38 5.97 1.43
N ILE D 69 38.97 6.02 0.16
CA ILE D 69 37.61 5.63 -0.22
C ILE D 69 37.68 4.50 -1.25
N TYR D 70 36.67 3.62 -1.21
CA TYR D 70 36.52 2.55 -2.18
C TYR D 70 35.25 2.75 -3.03
N LEU D 71 35.38 2.52 -4.33
CA LEU D 71 34.27 2.64 -5.28
C LEU D 71 34.26 1.46 -6.25
N ALA D 72 33.10 1.15 -6.80
CA ALA D 72 33.01 0.11 -7.82
C ALA D 72 33.71 0.57 -9.09
N GLU D 73 34.52 -0.31 -9.68
CA GLU D 73 35.14 -0.06 -10.98
C GLU D 73 34.04 0.33 -11.97
N GLU D 74 32.91 -0.37 -11.87
CA GLU D 74 31.75 -0.15 -12.74
C GLU D 74 31.20 1.28 -12.77
N ILE D 75 31.45 2.06 -11.70
CA ILE D 75 30.98 3.46 -11.66
C ILE D 75 31.50 4.29 -12.84
N LYS D 76 32.76 4.05 -13.24
CA LYS D 76 33.42 4.82 -14.30
C LYS D 76 32.61 4.81 -15.59
N GLU D 77 32.09 3.63 -15.96
CA GLU D 77 31.31 3.50 -17.18
C GLU D 77 29.83 3.79 -16.97
N HIS D 78 29.26 3.26 -15.88
CA HIS D 78 27.81 3.25 -15.70
C HIS D 78 27.24 4.46 -14.95
N ASN D 79 28.12 5.27 -14.37
CA ASN D 79 27.68 6.45 -13.64
C ASN D 79 28.78 7.49 -13.49
N PRO D 80 29.25 8.06 -14.63
CA PRO D 80 30.35 9.03 -14.56
C PRO D 80 29.96 10.32 -13.82
N THR D 81 28.68 10.71 -13.92
CA THR D 81 28.22 11.88 -13.17
C THR D 81 28.40 11.70 -11.68
N GLN D 82 28.00 10.55 -11.14
CA GLN D 82 28.22 10.28 -9.70
C GLN D 82 29.70 10.35 -9.33
N LEU D 83 30.54 9.65 -10.07
CA LEU D 83 31.99 9.68 -9.84
C LEU D 83 32.54 11.13 -9.85
N GLN D 84 32.16 11.91 -10.85
CA GLN D 84 32.55 13.31 -10.89
C GLN D 84 32.06 14.07 -9.63
N GLN D 85 30.80 13.86 -9.23
CA GLN D 85 30.27 14.49 -8.01
C GLN D 85 31.06 14.10 -6.77
N ILE D 86 31.47 12.82 -6.69
CA ILE D 86 32.28 12.35 -5.58
C ILE D 86 33.66 13.01 -5.56
N LYS D 87 34.33 13.02 -6.71
CA LYS D 87 35.67 13.61 -6.85
C LYS D 87 35.67 15.05 -6.39
N GLN D 88 34.65 15.80 -6.79
CA GLN D 88 34.52 17.21 -6.46
C GLN D 88 34.35 17.45 -4.96
N LEU D 89 33.93 16.42 -4.23
CA LEU D 89 33.58 16.54 -2.83
C LEU D 89 34.75 16.24 -1.90
N ILE D 90 35.58 15.28 -2.28
CA ILE D 90 36.67 14.81 -1.43
C ILE D 90 37.96 15.63 -1.63
N SER D 91 38.81 15.63 -0.61
CA SER D 91 40.13 16.25 -0.68
C SER D 91 41.00 15.53 -1.71
N SER D 92 41.84 16.31 -2.41
CA SER D 92 42.71 15.76 -3.46
C SER D 92 43.90 14.97 -2.94
N GLU D 93 43.94 14.74 -1.63
CA GLU D 93 45.03 13.98 -1.00
C GLU D 93 44.60 12.58 -0.55
N ILE D 94 43.29 12.36 -0.43
CA ILE D 94 42.78 11.05 -0.04
C ILE D 94 42.71 10.10 -1.25
N GLU D 95 43.14 8.85 -1.04
CA GLU D 95 43.29 7.88 -2.12
C GLU D 95 41.95 7.24 -2.55
N ILE D 96 41.70 7.22 -3.87
CA ILE D 96 40.52 6.53 -4.41
C ILE D 96 40.87 5.17 -5.00
N ILE D 97 40.36 4.12 -4.38
CA ILE D 97 40.60 2.76 -4.84
C ILE D 97 39.34 2.17 -5.49
N PHE D 98 39.50 1.74 -6.74
CA PHE D 98 38.44 1.08 -7.48
C PHE D 98 38.55 -0.43 -7.37
N ILE D 99 37.46 -1.07 -6.95
CA ILE D 99 37.36 -2.51 -6.82
C ILE D 99 36.12 -3.01 -7.58
N PRO D 100 36.02 -4.32 -7.83
CA PRO D 100 34.77 -4.79 -8.44
C PRO D 100 33.56 -4.53 -7.54
N HIS D 101 32.42 -4.24 -8.15
CA HIS D 101 31.19 -4.04 -7.39
C HIS D 101 30.91 -5.23 -6.49
N GLU D 102 31.17 -6.43 -7.01
CA GLU D 102 31.04 -7.66 -6.24
C GLU D 102 31.88 -7.59 -4.95
N GLU D 103 33.03 -6.92 -5.01
CA GLU D 103 33.88 -6.67 -3.83
C GLU D 103 33.28 -5.61 -2.90
N MET D 104 32.65 -4.58 -3.48
CA MET D 104 31.93 -3.58 -2.68
C MET D 104 30.85 -4.26 -1.84
N LYS D 105 30.21 -5.28 -2.40
CA LYS D 105 29.20 -6.08 -1.69
C LYS D 105 29.79 -6.93 -0.55
N SER D 106 30.95 -7.55 -0.80
CA SER D 106 31.64 -8.31 0.25
C SER D 106 31.98 -7.39 1.40
N ASN D 107 32.40 -6.16 1.07
CA ASN D 107 32.87 -5.21 2.08
C ASN D 107 31.78 -4.74 3.03
N LEU D 108 30.52 -4.91 2.61
CA LEU D 108 29.37 -4.68 3.48
C LEU D 108 29.46 -5.55 4.74
N ALA D 109 30.18 -6.67 4.64
CA ALA D 109 30.35 -7.59 5.76
C ALA D 109 31.80 -7.67 6.26
N HIS D 110 32.60 -6.66 5.92
CA HIS D 110 33.99 -6.56 6.36
C HIS D 110 34.10 -6.53 7.88
N PRO D 111 35.08 -7.25 8.45
CA PRO D 111 35.21 -7.29 9.91
C PRO D 111 35.35 -5.92 10.57
N LEU D 112 35.88 -4.94 9.83
CA LEU D 112 36.08 -3.61 10.38
C LEU D 112 34.96 -2.64 9.95
N ASN D 113 33.94 -3.17 9.28
CA ASN D 113 32.82 -2.36 8.85
C ASN D 113 31.97 -1.96 10.06
N LYS D 114 31.94 -0.66 10.35
CA LYS D 114 31.19 -0.13 11.50
C LYS D 114 29.79 0.41 11.16
N GLY D 115 29.34 0.22 9.92
CA GLY D 115 27.99 0.65 9.54
C GLY D 115 27.72 0.70 8.05
N ASN D 116 26.49 0.33 7.68
CA ASN D 116 26.03 0.42 6.31
C ASN D 116 24.82 1.33 6.11
N ILE D 117 25.08 2.56 5.67
CA ILE D 117 24.03 3.54 5.46
C ILE D 117 23.35 3.29 4.12
N ARG D 118 22.02 3.19 4.17
CA ARG D 118 21.19 3.05 2.98
C ARG D 118 20.48 4.37 2.71
N THR D 119 20.66 4.87 1.49
CA THR D 119 19.98 6.07 1.04
C THR D 119 18.86 5.70 0.06
N GLY D 120 18.14 6.70 -0.43
CA GLY D 120 17.07 6.47 -1.41
C GLY D 120 17.53 6.48 -2.85
N GLU D 121 18.84 6.68 -3.05
CA GLU D 121 19.45 6.84 -4.37
C GLU D 121 19.11 5.66 -5.31
N THR D 122 18.75 5.99 -6.55
CA THR D 122 18.38 4.97 -7.53
C THR D 122 19.35 4.88 -8.72
N THR D 123 20.25 5.83 -8.87
CA THR D 123 21.24 5.72 -9.95
C THR D 123 22.31 4.67 -9.63
N PRO D 124 22.63 3.80 -10.61
CA PRO D 124 23.47 2.60 -10.43
C PRO D 124 24.84 2.89 -9.86
N TYR D 125 25.31 2.00 -8.97
CA TYR D 125 26.65 2.03 -8.41
C TYR D 125 26.94 3.29 -7.61
N SER D 126 25.88 3.88 -7.04
CA SER D 126 26.07 4.98 -6.10
C SER D 126 26.34 4.38 -4.75
N ASN D 127 27.50 3.75 -4.61
CA ASN D 127 27.93 3.14 -3.35
C ASN D 127 29.38 3.50 -3.07
N ILE D 128 29.71 3.69 -1.80
CA ILE D 128 31.05 4.10 -1.38
C ILE D 128 31.40 3.44 -0.04
N ALA D 129 32.69 3.23 0.20
CA ALA D 129 33.14 2.83 1.53
C ALA D 129 34.23 3.79 1.98
N LEU D 130 34.13 4.25 3.22
CA LEU D 130 35.03 5.28 3.76
C LEU D 130 35.89 4.71 4.88
N GLU D 131 37.20 4.78 4.68
CA GLU D 131 38.17 4.26 5.64
C GLU D 131 38.68 5.40 6.47
N SER D 132 38.56 5.25 7.78
CA SER D 132 38.95 6.30 8.70
C SER D 132 40.47 6.40 8.80
N ASN D 133 40.96 7.64 8.91
CA ASN D 133 42.32 7.93 9.34
C ASN D 133 42.38 7.76 10.86
N VAL D 134 43.52 8.11 11.48
CA VAL D 134 43.63 8.13 12.95
C VAL D 134 42.76 9.26 13.50
N THR D 135 41.83 8.94 14.40
CA THR D 135 41.03 9.98 15.08
C THR D 135 41.73 10.50 16.34
C1 RIP E . 10.55 21.23 19.76
C2 RIP E . 9.91 20.95 18.40
C3 RIP E . 8.71 21.89 18.11
C4 RIP E . 8.97 23.35 18.47
C5 RIP E . 9.77 23.53 19.77
O1 RIP E . 9.74 20.74 20.81
O2 RIP E . 10.90 21.07 17.40
O3 RIP E . 8.33 21.81 16.76
O4 RIP E . 9.63 24.01 17.41
O5 RIP E . 10.86 22.63 19.87
C1 RIP F . -22.96 4.12 5.60
C2 RIP F . -23.46 3.81 4.19
C3 RIP F . -24.65 4.70 3.80
C4 RIP F . -24.41 6.17 4.10
C5 RIP F . -23.80 6.40 5.48
O1 RIP F . -23.84 3.62 6.58
O2 RIP F . -22.40 3.98 3.27
O3 RIP F . -24.89 4.59 2.43
O4 RIP F . -23.58 6.70 3.09
O5 RIP F . -22.72 5.52 5.76
C1 RIP G . -10.63 -21.35 -19.83
C2 RIP G . -10.16 -19.91 -19.63
C3 RIP G . -9.09 -19.52 -20.67
C4 RIP G . -9.38 -20.01 -22.10
C5 RIP G . -10.07 -21.38 -22.18
O1 RIP G . -9.62 -22.27 -19.42
O2 RIP G . -11.29 -19.07 -19.71
O3 RIP G . -8.91 -18.13 -20.70
O4 RIP G . -10.14 -19.06 -22.81
O5 RIP G . -11.06 -21.53 -21.17
C1 RIP H . 22.72 -3.26 -6.79
C2 RIP H . 23.08 -1.81 -6.46
C3 RIP H . 24.17 -1.29 -7.39
C4 RIP H . 23.85 -1.53 -8.85
C5 RIP H . 23.33 -2.95 -9.13
O1 RIP H . 23.78 -4.13 -6.42
O2 RIP H . 21.92 -1.00 -6.57
O3 RIP H . 24.35 0.09 -7.20
O4 RIP H . 22.91 -0.56 -9.27
O5 RIP H . 22.37 -3.39 -8.17
#